data_8YD6
#
_entry.id   8YD6
#
_entity_poly.entity_id   1
_entity_poly.type   'polypeptide(L)'
_entity_poly.pdbx_seq_one_letter_code
;GAICHPVFCPRRYKQIGTCGLPGTKCCKKP
;
_entity_poly.pdbx_strand_id   A
#
# COMPACT_ATOMS: atom_id res chain seq x y z
N GLY A 1 -10.53 6.31 -0.58
CA GLY A 1 -9.32 5.55 -0.96
C GLY A 1 -8.29 5.55 0.16
N ALA A 2 -7.65 4.41 0.42
CA ALA A 2 -6.67 4.23 1.51
C ALA A 2 -5.20 4.15 1.04
N ILE A 3 -4.94 3.73 -0.20
CA ILE A 3 -3.63 3.70 -0.88
C ILE A 3 -3.78 4.23 -2.32
N CYS A 4 -2.70 4.74 -2.93
CA CYS A 4 -2.66 5.28 -4.29
C CYS A 4 -3.25 4.34 -5.37
N HIS A 5 -2.61 3.18 -5.60
CA HIS A 5 -3.06 2.18 -6.58
C HIS A 5 -2.67 0.75 -6.12
N PRO A 6 -3.36 0.19 -5.10
CA PRO A 6 -3.04 -1.13 -4.55
C PRO A 6 -3.50 -2.27 -5.49
N VAL A 7 -2.79 -3.39 -5.43
CA VAL A 7 -3.07 -4.63 -6.22
C VAL A 7 -3.10 -5.89 -5.34
N PHE A 8 -2.78 -5.77 -4.04
CA PHE A 8 -2.67 -6.87 -3.08
C PHE A 8 -3.16 -6.45 -1.67
N CYS A 9 -2.26 -5.90 -0.84
CA CYS A 9 -2.46 -5.46 0.55
C CYS A 9 -1.27 -4.60 1.07
N PRO A 10 -0.82 -3.53 0.38
CA PRO A 10 0.29 -2.71 0.85
C PRO A 10 -0.02 -2.00 2.17
N ARG A 11 0.89 -2.13 3.16
CA ARG A 11 0.79 -1.50 4.50
C ARG A 11 0.83 0.05 4.47
N ARG A 12 1.42 0.63 3.42
CA ARG A 12 1.52 2.08 3.17
C ARG A 12 0.16 2.78 3.02
N TYR A 13 0.20 4.10 2.92
CA TYR A 13 -0.96 5.01 2.99
C TYR A 13 -1.00 5.96 1.79
N LYS A 14 -2.19 6.41 1.41
CA LYS A 14 -2.43 7.43 0.36
C LYS A 14 -1.83 8.81 0.68
N GLN A 15 -1.61 9.13 1.95
CA GLN A 15 -1.12 10.45 2.41
C GLN A 15 0.30 10.81 1.92
N ILE A 16 1.09 9.82 1.47
CA ILE A 16 2.42 10.00 0.83
C ILE A 16 2.44 9.64 -0.67
N GLY A 17 1.37 9.05 -1.21
CA GLY A 17 1.29 8.52 -2.58
C GLY A 17 2.39 7.51 -2.91
N THR A 18 2.39 6.34 -2.24
CA THR A 18 3.38 5.27 -2.44
C THR A 18 3.44 4.73 -3.89
N CYS A 19 2.28 4.67 -4.56
CA CYS A 19 2.05 4.28 -5.96
C CYS A 19 3.00 3.18 -6.50
N GLY A 20 2.97 1.98 -5.89
CA GLY A 20 3.89 0.88 -6.16
C GLY A 20 3.66 -0.35 -5.27
N LEU A 21 4.70 -1.20 -5.14
CA LEU A 21 4.73 -2.40 -4.30
C LEU A 21 5.71 -2.26 -3.11
N PRO A 22 5.33 -1.54 -2.03
CA PRO A 22 6.23 -1.23 -0.90
C PRO A 22 6.53 -2.41 0.03
N GLY A 23 5.79 -3.53 -0.04
CA GLY A 23 6.01 -4.70 0.82
C GLY A 23 4.94 -5.78 0.70
N THR A 24 4.93 -6.51 -0.42
CA THR A 24 4.01 -7.66 -0.67
C THR A 24 4.12 -8.74 0.41
N LYS A 25 5.33 -8.97 0.93
CA LYS A 25 5.64 -9.88 2.04
C LYS A 25 5.10 -9.46 3.42
N CYS A 26 4.71 -8.19 3.59
CA CYS A 26 4.23 -7.64 4.87
C CYS A 26 2.73 -7.91 5.09
N CYS A 27 1.86 -7.30 4.25
CA CYS A 27 0.40 -7.47 4.25
C CYS A 27 -0.32 -7.17 5.61
N LYS A 28 0.34 -6.46 6.53
CA LYS A 28 -0.06 -6.33 7.95
C LYS A 28 -1.34 -5.50 8.15
N LYS A 29 -1.30 -4.21 7.79
CA LYS A 29 -2.35 -3.19 8.04
C LYS A 29 -2.61 -2.32 6.79
N PRO A 30 -3.25 -2.87 5.74
CA PRO A 30 -3.72 -2.11 4.58
C PRO A 30 -5.01 -1.30 4.88
N GLY A 1 -9.13 0.14 -0.65
CA GLY A 1 -8.95 1.61 -0.71
C GLY A 1 -7.76 2.07 0.11
N ALA A 2 -7.73 3.35 0.49
CA ALA A 2 -6.70 4.03 1.31
C ALA A 2 -5.24 3.96 0.79
N ILE A 3 -5.04 3.57 -0.48
CA ILE A 3 -3.76 3.47 -1.20
C ILE A 3 -3.90 4.16 -2.58
N CYS A 4 -2.81 4.69 -3.12
CA CYS A 4 -2.74 5.30 -4.47
C CYS A 4 -3.20 4.33 -5.58
N HIS A 5 -2.49 3.20 -5.75
CA HIS A 5 -2.81 2.15 -6.72
C HIS A 5 -2.36 0.77 -6.18
N PRO A 6 -3.17 0.11 -5.32
CA PRO A 6 -2.84 -1.22 -4.78
C PRO A 6 -3.08 -2.33 -5.81
N VAL A 7 -2.39 -3.46 -5.62
CA VAL A 7 -2.56 -4.71 -6.41
C VAL A 7 -2.79 -5.94 -5.52
N PHE A 8 -2.57 -5.81 -4.20
CA PHE A 8 -2.74 -6.87 -3.20
C PHE A 8 -3.33 -6.29 -1.89
N CYS A 9 -2.48 -5.86 -0.95
CA CYS A 9 -2.83 -5.32 0.37
C CYS A 9 -1.65 -4.61 1.08
N PRO A 10 -0.95 -3.64 0.45
CA PRO A 10 0.26 -3.01 1.01
C PRO A 10 -0.02 -2.20 2.29
N ARG A 11 0.92 -2.19 3.24
CA ARG A 11 0.83 -1.53 4.56
C ARG A 11 1.04 0.00 4.54
N ARG A 12 1.40 0.59 3.39
CA ARG A 12 1.53 2.04 3.17
C ARG A 12 0.17 2.78 3.27
N TYR A 13 0.19 4.08 2.98
CA TYR A 13 -0.93 5.00 3.18
C TYR A 13 -1.03 6.01 2.02
N LYS A 14 -2.25 6.42 1.64
CA LYS A 14 -2.48 7.49 0.64
C LYS A 14 -1.91 8.86 1.02
N GLN A 15 -1.57 9.08 2.30
CA GLN A 15 -0.95 10.34 2.78
C GLN A 15 0.49 10.57 2.27
N ILE A 16 1.19 9.51 1.82
CA ILE A 16 2.53 9.61 1.19
C ILE A 16 2.54 9.21 -0.29
N GLY A 17 1.50 8.51 -0.77
CA GLY A 17 1.30 8.15 -2.19
C GLY A 17 2.35 7.17 -2.72
N THR A 18 2.34 5.92 -2.22
CA THR A 18 3.30 4.87 -2.59
C THR A 18 3.28 4.50 -4.09
N CYS A 19 2.09 4.54 -4.71
CA CYS A 19 1.79 4.28 -6.13
C CYS A 19 2.61 3.13 -6.76
N GLY A 20 2.59 1.95 -6.12
CA GLY A 20 3.44 0.80 -6.44
C GLY A 20 3.34 -0.33 -5.41
N LEU A 21 4.34 -1.22 -5.42
CA LEU A 21 4.49 -2.35 -4.48
C LEU A 21 5.61 -2.07 -3.44
N PRO A 22 5.30 -1.47 -2.27
CA PRO A 22 6.30 -1.14 -1.24
C PRO A 22 6.88 -2.37 -0.52
N GLY A 23 6.22 -3.53 -0.61
CA GLY A 23 6.66 -4.81 -0.07
C GLY A 23 5.51 -5.83 -0.01
N THR A 24 5.68 -7.01 -0.61
CA THR A 24 4.65 -8.07 -0.61
C THR A 24 4.36 -8.59 0.81
N LYS A 25 5.43 -8.88 1.58
CA LYS A 25 5.38 -9.50 2.91
C LYS A 25 4.81 -8.61 4.03
N CYS A 26 4.72 -7.30 3.85
CA CYS A 26 4.23 -6.37 4.89
C CYS A 26 2.70 -6.32 5.03
N CYS A 27 1.94 -6.95 4.12
CA CYS A 27 0.47 -7.00 4.14
C CYS A 27 -0.08 -7.50 5.50
N LYS A 28 -0.57 -6.56 6.32
CA LYS A 28 -1.09 -6.78 7.68
C LYS A 28 -2.02 -5.64 8.16
N LYS A 29 -1.64 -4.38 7.92
CA LYS A 29 -2.41 -3.17 8.30
C LYS A 29 -2.50 -2.13 7.15
N PRO A 30 -3.23 -2.43 6.05
CA PRO A 30 -3.56 -1.47 5.01
C PRO A 30 -4.55 -0.38 5.48
N GLY A 1 -9.17 6.07 -1.79
CA GLY A 1 -9.52 5.15 -0.69
C GLY A 1 -8.49 5.20 0.41
N ALA A 2 -7.74 4.11 0.63
CA ALA A 2 -6.65 4.02 1.62
C ALA A 2 -5.23 4.07 1.01
N ILE A 3 -5.09 3.76 -0.28
CA ILE A 3 -3.82 3.63 -1.03
C ILE A 3 -3.93 4.35 -2.39
N CYS A 4 -2.80 4.78 -2.95
CA CYS A 4 -2.65 5.41 -4.27
C CYS A 4 -3.13 4.50 -5.42
N HIS A 5 -2.46 3.36 -5.64
CA HIS A 5 -2.87 2.29 -6.58
C HIS A 5 -2.34 0.92 -6.10
N PRO A 6 -3.09 0.21 -5.23
CA PRO A 6 -2.69 -1.11 -4.72
C PRO A 6 -2.91 -2.23 -5.75
N VAL A 7 -2.21 -3.35 -5.55
CA VAL A 7 -2.35 -4.60 -6.33
C VAL A 7 -2.63 -5.82 -5.43
N PHE A 8 -2.44 -5.68 -4.11
CA PHE A 8 -2.65 -6.73 -3.10
C PHE A 8 -3.28 -6.14 -1.82
N CYS A 9 -2.48 -5.69 -0.85
CA CYS A 9 -2.88 -5.15 0.46
C CYS A 9 -1.73 -4.42 1.21
N PRO A 10 -1.04 -3.44 0.59
CA PRO A 10 0.17 -2.82 1.17
C PRO A 10 -0.10 -2.02 2.46
N ARG A 11 0.79 -2.15 3.46
CA ARG A 11 0.72 -1.53 4.81
C ARG A 11 0.89 0.01 4.84
N ARG A 12 1.40 0.60 3.74
CA ARG A 12 1.58 2.05 3.54
C ARG A 12 0.24 2.82 3.47
N TYR A 13 0.30 4.11 3.14
CA TYR A 13 -0.81 5.06 3.24
C TYR A 13 -0.91 5.96 1.99
N LYS A 14 -2.13 6.40 1.63
CA LYS A 14 -2.37 7.40 0.58
C LYS A 14 -1.68 8.76 0.83
N GLN A 15 -1.43 9.12 2.09
CA GLN A 15 -0.84 10.40 2.49
C GLN A 15 0.62 10.61 2.01
N ILE A 16 1.33 9.53 1.66
CA ILE A 16 2.67 9.55 1.03
C ILE A 16 2.69 9.01 -0.41
N GLY A 17 1.56 8.49 -0.90
CA GLY A 17 1.33 8.11 -2.31
C GLY A 17 2.16 6.92 -2.80
N THR A 18 2.02 5.74 -2.16
CA THR A 18 2.80 4.52 -2.40
C THR A 18 2.47 3.77 -3.73
N CYS A 19 2.07 4.48 -4.79
CA CYS A 19 1.75 3.92 -6.11
C CYS A 19 2.89 3.00 -6.64
N GLY A 20 2.66 1.69 -6.62
CA GLY A 20 3.67 0.65 -6.86
C GLY A 20 3.58 -0.51 -5.86
N LEU A 21 4.71 -0.86 -5.24
CA LEU A 21 4.88 -2.06 -4.40
C LEU A 21 5.88 -1.83 -3.22
N PRO A 22 5.41 -1.39 -2.04
CA PRO A 22 6.28 -1.18 -0.87
C PRO A 22 6.78 -2.48 -0.20
N GLY A 23 6.19 -3.64 -0.53
CA GLY A 23 6.62 -4.96 -0.05
C GLY A 23 5.46 -5.96 0.05
N THR A 24 5.51 -7.06 -0.71
CA THR A 24 4.45 -8.10 -0.77
C THR A 24 4.11 -8.67 0.62
N LYS A 25 5.12 -9.16 1.35
CA LYS A 25 4.97 -9.70 2.73
C LYS A 25 4.61 -8.65 3.79
N CYS A 26 4.71 -7.36 3.46
CA CYS A 26 4.38 -6.26 4.38
C CYS A 26 2.87 -6.19 4.70
N CYS A 27 2.01 -6.72 3.81
CA CYS A 27 0.56 -6.78 3.99
C CYS A 27 0.13 -7.29 5.39
N LYS A 28 -0.38 -6.36 6.20
CA LYS A 28 -0.84 -6.59 7.59
C LYS A 28 -1.93 -5.60 7.99
N LYS A 29 -1.69 -4.29 7.80
CA LYS A 29 -2.58 -3.19 8.19
C LYS A 29 -2.73 -2.12 7.08
N PRO A 30 -3.35 -2.44 5.93
CA PRO A 30 -3.63 -1.47 4.85
C PRO A 30 -4.70 -0.43 5.26
N GLY A 1 -10.71 5.14 -0.31
CA GLY A 1 -9.43 5.83 -0.56
C GLY A 1 -8.44 5.62 0.59
N ALA A 2 -7.65 4.55 0.55
CA ALA A 2 -6.65 4.19 1.56
C ALA A 2 -5.21 4.05 0.99
N ILE A 3 -5.08 3.65 -0.28
CA ILE A 3 -3.83 3.49 -1.03
C ILE A 3 -3.94 4.21 -2.39
N CYS A 4 -2.80 4.69 -2.91
CA CYS A 4 -2.67 5.35 -4.21
C CYS A 4 -3.13 4.46 -5.39
N HIS A 5 -2.47 3.31 -5.58
CA HIS A 5 -2.88 2.24 -6.52
C HIS A 5 -2.37 0.86 -6.03
N PRO A 6 -3.13 0.13 -5.20
CA PRO A 6 -2.73 -1.18 -4.68
C PRO A 6 -2.87 -2.29 -5.73
N VAL A 7 -2.15 -3.39 -5.52
CA VAL A 7 -2.25 -4.65 -6.31
C VAL A 7 -2.49 -5.88 -5.41
N PHE A 8 -2.31 -5.74 -4.10
CA PHE A 8 -2.47 -6.81 -3.09
C PHE A 8 -3.14 -6.26 -1.80
N CYS A 9 -2.35 -5.85 -0.81
CA CYS A 9 -2.78 -5.31 0.49
C CYS A 9 -1.64 -4.55 1.24
N PRO A 10 -0.98 -3.55 0.62
CA PRO A 10 0.20 -2.88 1.21
C PRO A 10 -0.12 -2.08 2.48
N ARG A 11 0.77 -2.16 3.49
CA ARG A 11 0.64 -1.53 4.82
C ARG A 11 0.87 0.01 4.84
N ARG A 12 1.41 0.57 3.76
CA ARG A 12 1.60 2.01 3.52
C ARG A 12 0.27 2.79 3.45
N TYR A 13 0.32 4.09 3.13
CA TYR A 13 -0.80 5.03 3.24
C TYR A 13 -0.90 5.98 2.04
N LYS A 14 -2.12 6.40 1.67
CA LYS A 14 -2.36 7.42 0.63
C LYS A 14 -1.81 8.83 0.93
N GLN A 15 -1.52 9.14 2.20
CA GLN A 15 -0.86 10.39 2.60
C GLN A 15 0.58 10.58 2.05
N ILE A 16 1.26 9.50 1.65
CA ILE A 16 2.60 9.51 1.03
C ILE A 16 2.62 8.99 -0.43
N GLY A 17 1.48 8.52 -0.94
CA GLY A 17 1.26 8.18 -2.36
C GLY A 17 2.08 6.99 -2.87
N THR A 18 1.96 5.84 -2.20
CA THR A 18 2.75 4.59 -2.42
C THR A 18 2.50 3.85 -3.76
N CYS A 19 2.00 4.50 -4.81
CA CYS A 19 1.67 3.91 -6.13
C CYS A 19 2.81 3.01 -6.66
N GLY A 20 2.61 1.68 -6.60
CA GLY A 20 3.65 0.66 -6.71
C GLY A 20 3.52 -0.44 -5.65
N LEU A 21 4.60 -1.18 -5.42
CA LEU A 21 4.69 -2.29 -4.45
C LEU A 21 5.74 -1.98 -3.37
N PRO A 22 5.35 -1.52 -2.16
CA PRO A 22 6.29 -1.22 -1.07
C PRO A 22 6.86 -2.48 -0.37
N GLY A 23 6.28 -3.67 -0.61
CA GLY A 23 6.73 -4.95 -0.08
C GLY A 23 5.59 -5.96 0.07
N THR A 24 5.59 -7.03 -0.73
CA THR A 24 4.53 -8.06 -0.78
C THR A 24 4.20 -8.64 0.61
N LYS A 25 5.21 -9.12 1.35
CA LYS A 25 5.06 -9.68 2.71
C LYS A 25 4.77 -8.66 3.82
N CYS A 26 4.84 -7.35 3.52
CA CYS A 26 4.51 -6.28 4.47
C CYS A 26 3.00 -6.18 4.77
N CYS A 27 2.15 -6.77 3.92
CA CYS A 27 0.69 -6.83 4.07
C CYS A 27 0.25 -7.27 5.49
N LYS A 28 -0.36 -6.34 6.22
CA LYS A 28 -0.81 -6.47 7.62
C LYS A 28 -2.03 -5.58 7.89
N LYS A 29 -1.87 -4.26 7.72
CA LYS A 29 -2.89 -3.23 7.98
C LYS A 29 -2.95 -2.19 6.83
N PRO A 30 -3.54 -2.52 5.67
CA PRO A 30 -3.84 -1.57 4.60
C PRO A 30 -4.91 -0.55 5.01
N GLY A 1 -10.58 4.73 -0.78
CA GLY A 1 -9.31 5.41 -1.13
C GLY A 1 -8.38 5.51 0.06
N ALA A 2 -7.63 4.43 0.37
CA ALA A 2 -6.69 4.35 1.49
C ALA A 2 -5.21 4.22 1.05
N ILE A 3 -4.94 3.78 -0.19
CA ILE A 3 -3.63 3.71 -0.86
C ILE A 3 -3.78 4.24 -2.30
N CYS A 4 -2.70 4.74 -2.90
CA CYS A 4 -2.66 5.30 -4.26
C CYS A 4 -3.25 4.37 -5.35
N HIS A 5 -2.62 3.21 -5.58
CA HIS A 5 -3.08 2.20 -6.55
C HIS A 5 -2.68 0.78 -6.10
N PRO A 6 -3.37 0.19 -5.09
CA PRO A 6 -3.04 -1.12 -4.55
C PRO A 6 -3.47 -2.26 -5.50
N VAL A 7 -2.75 -3.39 -5.44
CA VAL A 7 -3.00 -4.61 -6.24
C VAL A 7 -3.07 -5.89 -5.36
N PHE A 8 -2.75 -5.77 -4.05
CA PHE A 8 -2.69 -6.87 -3.08
C PHE A 8 -3.21 -6.43 -1.70
N CYS A 9 -2.33 -5.89 -0.85
CA CYS A 9 -2.56 -5.42 0.52
C CYS A 9 -1.33 -4.63 1.08
N PRO A 10 -0.87 -3.56 0.41
CA PRO A 10 0.28 -2.76 0.88
C PRO A 10 0.00 -2.05 2.21
N ARG A 11 0.94 -2.13 3.16
CA ARG A 11 0.87 -1.51 4.51
C ARG A 11 0.90 0.04 4.49
N ARG A 12 1.41 0.64 3.42
CA ARG A 12 1.49 2.10 3.18
C ARG A 12 0.12 2.79 3.04
N TYR A 13 0.15 4.11 2.94
CA TYR A 13 -1.01 5.01 3.03
C TYR A 13 -1.04 6.01 1.86
N LYS A 14 -2.23 6.49 1.47
CA LYS A 14 -2.40 7.52 0.42
C LYS A 14 -1.87 8.92 0.78
N GLN A 15 -1.61 9.21 2.05
CA GLN A 15 -1.03 10.50 2.51
C GLN A 15 0.37 10.80 1.94
N ILE A 16 1.12 9.79 1.48
CA ILE A 16 2.45 9.93 0.85
C ILE A 16 2.51 9.51 -0.63
N GLY A 17 1.42 8.94 -1.17
CA GLY A 17 1.33 8.44 -2.55
C GLY A 17 2.41 7.41 -2.91
N THR A 18 2.40 6.24 -2.25
CA THR A 18 3.38 5.15 -2.48
C THR A 18 3.40 4.64 -3.93
N CYS A 19 2.23 4.58 -4.58
CA CYS A 19 1.97 4.21 -5.98
C CYS A 19 2.88 3.08 -6.52
N GLY A 20 2.83 1.90 -5.87
CA GLY A 20 3.74 0.77 -6.13
C GLY A 20 3.53 -0.43 -5.19
N LEU A 21 4.56 -1.26 -5.08
CA LEU A 21 4.62 -2.47 -4.22
C LEU A 21 5.62 -2.31 -3.05
N PRO A 22 5.28 -1.55 -1.99
CA PRO A 22 6.20 -1.23 -0.87
C PRO A 22 6.48 -2.42 0.08
N GLY A 23 5.70 -3.51 0.03
CA GLY A 23 5.87 -4.65 0.93
C GLY A 23 4.86 -5.78 0.71
N THR A 24 4.91 -6.46 -0.43
CA THR A 24 4.09 -7.65 -0.75
C THR A 24 4.25 -8.77 0.29
N LYS A 25 5.48 -8.95 0.79
CA LYS A 25 5.83 -9.90 1.88
C LYS A 25 5.33 -9.49 3.28
N CYS A 26 4.87 -8.25 3.46
CA CYS A 26 4.54 -7.65 4.76
C CYS A 26 3.05 -7.77 5.12
N CYS A 27 2.15 -7.27 4.27
CA CYS A 27 0.68 -7.37 4.30
C CYS A 27 0.06 -7.54 5.72
N LYS A 28 -0.06 -6.44 6.48
CA LYS A 28 -0.50 -6.42 7.90
C LYS A 28 -1.64 -5.45 8.19
N LYS A 29 -1.43 -4.14 7.89
CA LYS A 29 -2.41 -3.06 8.06
C LYS A 29 -2.55 -2.22 6.78
N PRO A 30 -3.23 -2.73 5.73
CA PRO A 30 -3.66 -1.93 4.58
C PRO A 30 -4.80 -0.96 4.95
N GLY A 1 -10.41 7.23 -0.11
CA GLY A 1 -9.59 6.06 -0.48
C GLY A 1 -8.54 5.73 0.57
N ALA A 2 -7.79 4.64 0.36
CA ALA A 2 -6.81 4.10 1.32
C ALA A 2 -5.35 4.08 0.81
N ILE A 3 -5.15 3.73 -0.47
CA ILE A 3 -3.85 3.62 -1.17
C ILE A 3 -3.97 4.28 -2.56
N CYS A 4 -2.85 4.75 -3.13
CA CYS A 4 -2.76 5.28 -4.49
C CYS A 4 -3.23 4.28 -5.58
N HIS A 5 -2.50 3.17 -5.74
CA HIS A 5 -2.81 2.10 -6.71
C HIS A 5 -2.37 0.72 -6.17
N PRO A 6 -3.15 0.09 -5.26
CA PRO A 6 -2.82 -1.21 -4.69
C PRO A 6 -3.13 -2.35 -5.68
N VAL A 7 -2.41 -3.47 -5.53
CA VAL A 7 -2.59 -4.72 -6.32
C VAL A 7 -2.68 -5.98 -5.43
N PHE A 8 -2.44 -5.83 -4.12
CA PHE A 8 -2.41 -6.92 -3.12
C PHE A 8 -2.95 -6.45 -1.75
N CYS A 9 -2.09 -5.87 -0.91
CA CYS A 9 -2.33 -5.38 0.46
C CYS A 9 -1.11 -4.61 1.03
N PRO A 10 -0.68 -3.48 0.41
CA PRO A 10 0.49 -2.72 0.86
C PRO A 10 0.25 -2.03 2.22
N ARG A 11 1.22 -2.14 3.15
CA ARG A 11 1.20 -1.57 4.52
C ARG A 11 1.25 -0.02 4.58
N ARG A 12 1.60 0.64 3.47
CA ARG A 12 1.65 2.11 3.30
C ARG A 12 0.25 2.78 3.32
N TYR A 13 0.21 4.08 3.03
CA TYR A 13 -0.96 4.94 3.18
C TYR A 13 -1.05 5.97 2.03
N LYS A 14 -2.26 6.37 1.61
CA LYS A 14 -2.48 7.42 0.59
C LYS A 14 -2.00 8.82 0.96
N GLN A 15 -1.71 9.11 2.24
CA GLN A 15 -1.13 10.37 2.69
C GLN A 15 0.27 10.68 2.10
N ILE A 16 1.00 9.67 1.62
CA ILE A 16 2.31 9.84 0.94
C ILE A 16 2.31 9.44 -0.55
N GLY A 17 1.27 8.78 -1.04
CA GLY A 17 1.14 8.29 -2.41
C GLY A 17 2.25 7.30 -2.83
N THR A 18 2.27 6.12 -2.22
CA THR A 18 3.29 5.05 -2.49
C THR A 18 3.31 4.57 -3.95
N CYS A 19 2.14 4.51 -4.60
CA CYS A 19 1.89 4.14 -6.00
C CYS A 19 2.76 2.97 -6.53
N GLY A 20 2.68 1.80 -5.88
CA GLY A 20 3.52 0.63 -6.18
C GLY A 20 3.41 -0.49 -5.15
N LEU A 21 4.45 -1.33 -5.07
CA LEU A 21 4.59 -2.46 -4.14
C LEU A 21 5.68 -2.21 -3.06
N PRO A 22 5.39 -1.45 -1.99
CA PRO A 22 6.34 -1.13 -0.93
C PRO A 22 6.67 -2.29 0.02
N GLY A 23 5.88 -3.37 0.03
CA GLY A 23 6.07 -4.49 0.95
C GLY A 23 5.09 -5.65 0.76
N THR A 24 5.22 -6.38 -0.35
CA THR A 24 4.47 -7.63 -0.63
C THR A 24 4.66 -8.68 0.47
N LYS A 25 5.88 -8.77 1.01
CA LYS A 25 6.27 -9.59 2.16
C LYS A 25 5.71 -9.14 3.53
N CYS A 26 5.10 -7.95 3.61
CA CYS A 26 4.75 -7.27 4.87
C CYS A 26 3.26 -7.32 5.23
N CYS A 27 2.36 -7.13 4.26
CA CYS A 27 0.88 -7.22 4.30
C CYS A 27 0.26 -7.43 5.71
N LYS A 28 -0.01 -6.33 6.43
CA LYS A 28 -0.52 -6.31 7.83
C LYS A 28 -1.57 -5.22 8.09
N LYS A 29 -1.27 -3.97 7.75
CA LYS A 29 -2.16 -2.79 7.90
C LYS A 29 -2.39 -2.05 6.56
N PRO A 30 -3.09 -2.67 5.58
CA PRO A 30 -3.53 -2.00 4.35
C PRO A 30 -4.72 -1.03 4.59
N GLY A 1 -10.68 4.63 -0.93
CA GLY A 1 -9.44 5.44 -1.04
C GLY A 1 -8.58 5.33 0.20
N ALA A 2 -7.68 4.33 0.24
CA ALA A 2 -6.71 4.11 1.33
C ALA A 2 -5.24 4.03 0.86
N ILE A 3 -5.02 3.73 -0.43
CA ILE A 3 -3.73 3.62 -1.14
C ILE A 3 -3.85 4.35 -2.49
N CYS A 4 -2.73 4.80 -3.06
CA CYS A 4 -2.66 5.38 -4.41
C CYS A 4 -3.17 4.42 -5.50
N HIS A 5 -2.47 3.29 -5.72
CA HIS A 5 -2.83 2.26 -6.70
C HIS A 5 -2.37 0.86 -6.22
N PRO A 6 -3.14 0.19 -5.33
CA PRO A 6 -2.78 -1.12 -4.79
C PRO A 6 -3.04 -2.25 -5.80
N VAL A 7 -2.37 -3.39 -5.59
CA VAL A 7 -2.53 -4.63 -6.38
C VAL A 7 -2.79 -5.87 -5.49
N PHE A 8 -2.58 -5.74 -4.17
CA PHE A 8 -2.76 -6.80 -3.17
C PHE A 8 -3.35 -6.22 -1.86
N CYS A 9 -2.50 -5.78 -0.92
CA CYS A 9 -2.83 -5.23 0.40
C CYS A 9 -1.62 -4.54 1.08
N PRO A 10 -0.96 -3.54 0.44
CA PRO A 10 0.28 -2.94 0.93
C PRO A 10 0.11 -2.18 2.27
N ARG A 11 1.14 -2.22 3.13
CA ARG A 11 1.18 -1.61 4.49
C ARG A 11 1.22 -0.06 4.50
N ARG A 12 1.57 0.57 3.36
CA ARG A 12 1.62 2.04 3.19
C ARG A 12 0.25 2.70 3.24
N TYR A 13 0.20 4.01 2.98
CA TYR A 13 -0.96 4.89 3.17
C TYR A 13 -1.09 5.91 2.02
N LYS A 14 -2.31 6.36 1.71
CA LYS A 14 -2.57 7.45 0.74
C LYS A 14 -1.89 8.79 1.08
N GLN A 15 -1.57 9.03 2.36
CA GLN A 15 -0.97 10.30 2.83
C GLN A 15 0.45 10.57 2.29
N ILE A 16 1.18 9.53 1.83
CA ILE A 16 2.48 9.65 1.15
C ILE A 16 2.46 9.28 -0.35
N GLY A 17 1.40 8.61 -0.82
CA GLY A 17 1.22 8.18 -2.21
C GLY A 17 2.29 7.20 -2.70
N THR A 18 2.29 5.97 -2.15
CA THR A 18 3.29 4.92 -2.47
C THR A 18 3.30 4.48 -3.95
N CYS A 19 2.15 4.58 -4.63
CA CYS A 19 1.88 4.24 -6.05
C CYS A 19 2.71 3.06 -6.61
N GLY A 20 2.56 1.86 -6.03
CA GLY A 20 3.37 0.68 -6.36
C GLY A 20 3.26 -0.45 -5.32
N LEU A 21 4.26 -1.34 -5.31
CA LEU A 21 4.40 -2.48 -4.38
C LEU A 21 5.53 -2.24 -3.34
N PRO A 22 5.25 -1.55 -2.21
CA PRO A 22 6.26 -1.23 -1.19
C PRO A 22 6.74 -2.43 -0.37
N GLY A 23 6.03 -3.58 -0.41
CA GLY A 23 6.38 -4.78 0.35
C GLY A 23 5.27 -5.83 0.35
N THR A 24 5.39 -6.87 -0.48
CA THR A 24 4.44 -8.00 -0.60
C THR A 24 4.15 -8.65 0.76
N LYS A 25 5.22 -9.07 1.46
CA LYS A 25 5.17 -9.72 2.78
C LYS A 25 4.72 -8.80 3.93
N CYS A 26 4.73 -7.49 3.71
CA CYS A 26 4.36 -6.48 4.71
C CYS A 26 2.83 -6.36 4.91
N CYS A 27 2.00 -6.97 4.05
CA CYS A 27 0.53 -6.98 4.16
C CYS A 27 0.04 -7.49 5.53
N LYS A 28 -0.34 -6.54 6.40
CA LYS A 28 -0.99 -6.75 7.72
C LYS A 28 -1.79 -5.54 8.22
N LYS A 29 -1.39 -4.32 7.85
CA LYS A 29 -2.03 -3.03 8.20
C LYS A 29 -2.15 -2.09 6.96
N PRO A 30 -3.01 -2.40 5.97
CA PRO A 30 -3.38 -1.46 4.91
C PRO A 30 -4.31 -0.33 5.41
N GLY A 1 -10.84 4.54 0.35
CA GLY A 1 -9.59 5.18 -0.14
C GLY A 1 -8.51 5.18 0.92
N ALA A 2 -7.62 4.18 0.90
CA ALA A 2 -6.51 4.04 1.87
C ALA A 2 -5.11 4.00 1.22
N ILE A 3 -5.00 3.56 -0.03
CA ILE A 3 -3.78 3.51 -0.85
C ILE A 3 -4.05 4.12 -2.25
N CYS A 4 -3.00 4.65 -2.88
CA CYS A 4 -2.98 5.28 -4.20
C CYS A 4 -3.61 4.39 -5.30
N HIS A 5 -3.02 3.21 -5.58
CA HIS A 5 -3.60 2.17 -6.45
C HIS A 5 -3.07 0.77 -6.07
N PRO A 6 -3.69 0.07 -5.09
CA PRO A 6 -3.21 -1.25 -4.64
C PRO A 6 -3.58 -2.37 -5.62
N VAL A 7 -2.70 -3.36 -5.77
CA VAL A 7 -2.88 -4.59 -6.59
C VAL A 7 -2.48 -5.86 -5.81
N PHE A 8 -2.03 -5.69 -4.57
CA PHE A 8 -1.46 -6.72 -3.67
C PHE A 8 -1.93 -6.43 -2.22
N CYS A 9 -1.05 -6.31 -1.23
CA CYS A 9 -1.40 -5.93 0.14
C CYS A 9 -0.39 -4.95 0.79
N PRO A 10 -0.31 -3.69 0.32
CA PRO A 10 0.59 -2.66 0.84
C PRO A 10 0.15 -2.12 2.22
N ARG A 11 1.07 -2.07 3.19
CA ARG A 11 0.86 -1.47 4.53
C ARG A 11 0.89 0.08 4.53
N ARG A 12 1.61 0.69 3.58
CA ARG A 12 1.73 2.15 3.40
C ARG A 12 0.39 2.84 3.08
N TYR A 13 0.39 4.18 3.07
CA TYR A 13 -0.78 5.05 3.02
C TYR A 13 -0.84 5.90 1.76
N LYS A 14 -2.05 6.36 1.37
CA LYS A 14 -2.26 7.31 0.26
C LYS A 14 -1.57 8.67 0.44
N GLN A 15 -1.40 9.14 1.69
CA GLN A 15 -0.83 10.46 2.01
C GLN A 15 0.64 10.68 1.60
N ILE A 16 1.37 9.61 1.24
CA ILE A 16 2.73 9.65 0.67
C ILE A 16 2.81 9.10 -0.78
N GLY A 17 1.67 8.83 -1.41
CA GLY A 17 1.54 8.46 -2.82
C GLY A 17 2.18 7.12 -3.20
N THR A 18 1.94 6.07 -2.40
CA THR A 18 2.55 4.73 -2.49
C THR A 18 2.10 3.86 -3.70
N CYS A 19 1.84 4.48 -4.86
CA CYS A 19 1.47 3.81 -6.12
C CYS A 19 2.56 2.87 -6.71
N GLY A 20 3.77 2.83 -6.12
CA GLY A 20 4.85 1.89 -6.45
C GLY A 20 4.66 0.51 -5.79
N LEU A 21 5.69 0.03 -5.09
CA LEU A 21 5.71 -1.29 -4.43
C LEU A 21 6.42 -1.26 -3.05
N PRO A 22 5.71 -0.91 -1.95
CA PRO A 22 6.28 -0.93 -0.60
C PRO A 22 6.48 -2.34 -0.04
N GLY A 23 5.70 -3.33 -0.51
CA GLY A 23 5.78 -4.74 -0.16
C GLY A 23 4.42 -5.47 -0.21
N THR A 24 4.47 -6.80 -0.19
CA THR A 24 3.32 -7.72 -0.36
C THR A 24 3.16 -8.68 0.81
N LYS A 25 4.24 -9.41 1.16
CA LYS A 25 4.31 -10.38 2.26
C LYS A 25 3.99 -9.83 3.66
N CYS A 26 4.06 -8.51 3.84
CA CYS A 26 3.73 -7.80 5.08
C CYS A 26 2.23 -7.92 5.42
N CYS A 27 1.36 -7.27 4.63
CA CYS A 27 -0.11 -7.28 4.72
C CYS A 27 -0.72 -6.96 6.10
N LYS A 28 0.05 -6.33 7.00
CA LYS A 28 -0.30 -6.11 8.43
C LYS A 28 -1.49 -5.15 8.61
N LYS A 29 -1.39 -3.94 8.04
CA LYS A 29 -2.34 -2.82 8.23
C LYS A 29 -2.65 -2.05 6.91
N PRO A 30 -3.27 -2.70 5.90
CA PRO A 30 -3.71 -2.05 4.66
C PRO A 30 -4.99 -1.22 4.84
N GLY A 1 -10.78 6.48 -0.18
CA GLY A 1 -9.43 6.08 -0.64
C GLY A 1 -8.56 5.63 0.53
N ALA A 2 -7.65 4.67 0.30
CA ALA A 2 -6.78 4.10 1.34
C ALA A 2 -5.28 4.05 0.93
N ILE A 3 -5.00 3.55 -0.28
CA ILE A 3 -3.67 3.54 -0.93
C ILE A 3 -3.82 4.09 -2.37
N CYS A 4 -2.75 4.65 -2.94
CA CYS A 4 -2.71 5.24 -4.29
C CYS A 4 -3.22 4.28 -5.40
N HIS A 5 -2.56 3.13 -5.59
CA HIS A 5 -2.89 2.13 -6.61
C HIS A 5 -2.51 0.70 -6.13
N PRO A 6 -3.26 0.13 -5.17
CA PRO A 6 -2.95 -1.19 -4.61
C PRO A 6 -3.29 -2.33 -5.59
N VAL A 7 -2.52 -3.42 -5.53
CA VAL A 7 -2.73 -4.66 -6.32
C VAL A 7 -2.72 -5.95 -5.48
N PHE A 8 -2.51 -5.85 -4.16
CA PHE A 8 -2.59 -6.95 -3.19
C PHE A 8 -3.24 -6.48 -1.88
N CYS A 9 -2.45 -6.08 -0.88
CA CYS A 9 -2.86 -5.49 0.40
C CYS A 9 -1.70 -4.70 1.06
N PRO A 10 -1.12 -3.69 0.37
CA PRO A 10 0.05 -2.95 0.87
C PRO A 10 -0.25 -2.15 2.15
N ARG A 11 0.66 -2.21 3.12
CA ARG A 11 0.58 -1.55 4.44
C ARG A 11 0.74 -0.01 4.39
N ARG A 12 1.30 0.54 3.31
CA ARG A 12 1.43 1.99 3.06
C ARG A 12 0.07 2.70 2.95
N TYR A 13 0.12 4.03 2.91
CA TYR A 13 -1.04 4.92 3.08
C TYR A 13 -1.08 6.01 1.98
N LYS A 14 -2.27 6.47 1.60
CA LYS A 14 -2.47 7.54 0.60
C LYS A 14 -1.82 8.90 0.97
N GLN A 15 -1.57 9.15 2.26
CA GLN A 15 -0.90 10.37 2.76
C GLN A 15 0.56 10.54 2.27
N ILE A 16 1.22 9.49 1.76
CA ILE A 16 2.57 9.57 1.17
C ILE A 16 2.65 9.13 -0.31
N GLY A 17 1.57 8.57 -0.87
CA GLY A 17 1.44 8.22 -2.29
C GLY A 17 2.48 7.22 -2.80
N THR A 18 2.46 5.98 -2.28
CA THR A 18 3.42 4.91 -2.64
C THR A 18 3.38 4.52 -4.13
N CYS A 19 2.17 4.51 -4.72
CA CYS A 19 1.86 4.22 -6.13
C CYS A 19 2.70 3.07 -6.75
N GLY A 20 2.77 1.94 -6.06
CA GLY A 20 3.65 0.80 -6.37
C GLY A 20 3.49 -0.35 -5.37
N LEU A 21 4.44 -1.30 -5.38
CA LEU A 21 4.53 -2.42 -4.44
C LEU A 21 5.63 -2.14 -3.39
N PRO A 22 5.30 -1.58 -2.20
CA PRO A 22 6.29 -1.21 -1.17
C PRO A 22 6.91 -2.40 -0.42
N GLY A 23 6.34 -3.60 -0.52
CA GLY A 23 6.80 -4.82 0.17
C GLY A 23 5.71 -5.88 0.29
N THR A 24 5.72 -6.90 -0.58
CA THR A 24 4.69 -7.95 -0.67
C THR A 24 4.43 -8.65 0.67
N LYS A 25 5.49 -8.99 1.42
CA LYS A 25 5.42 -9.61 2.77
C LYS A 25 4.87 -8.69 3.88
N CYS A 26 4.80 -7.37 3.64
CA CYS A 26 4.45 -6.37 4.66
C CYS A 26 2.93 -6.27 4.91
N CYS A 27 2.09 -6.91 4.09
CA CYS A 27 0.62 -6.96 4.24
C CYS A 27 0.18 -7.43 5.64
N LYS A 28 -0.30 -6.48 6.45
CA LYS A 28 -0.87 -6.66 7.80
C LYS A 28 -1.96 -5.64 8.10
N LYS A 29 -1.66 -4.34 7.88
CA LYS A 29 -2.49 -3.19 8.25
C LYS A 29 -2.69 -2.19 7.08
N PRO A 30 -3.35 -2.60 5.98
CA PRO A 30 -3.76 -1.70 4.89
C PRO A 30 -4.84 -0.69 5.32
N GLY A 1 -10.10 7.79 0.14
CA GLY A 1 -9.34 6.62 -0.38
C GLY A 1 -8.40 6.05 0.69
N ALA A 2 -7.67 4.99 0.35
CA ALA A 2 -6.81 4.21 1.26
C ALA A 2 -5.35 4.12 0.76
N ILE A 3 -5.14 3.72 -0.48
CA ILE A 3 -3.83 3.56 -1.17
C ILE A 3 -3.90 4.23 -2.56
N CYS A 4 -2.76 4.64 -3.12
CA CYS A 4 -2.65 5.19 -4.49
C CYS A 4 -3.13 4.20 -5.57
N HIS A 5 -2.44 3.04 -5.71
CA HIS A 5 -2.77 2.00 -6.69
C HIS A 5 -2.42 0.59 -6.13
N PRO A 6 -3.26 0.02 -5.24
CA PRO A 6 -3.02 -1.31 -4.66
C PRO A 6 -3.37 -2.43 -5.64
N VAL A 7 -2.67 -3.57 -5.53
CA VAL A 7 -2.97 -4.83 -6.27
C VAL A 7 -2.95 -6.09 -5.38
N PHE A 8 -2.67 -5.95 -4.08
CA PHE A 8 -2.66 -7.03 -3.08
C PHE A 8 -3.25 -6.55 -1.74
N CYS A 9 -2.41 -6.06 -0.81
CA CYS A 9 -2.76 -5.53 0.50
C CYS A 9 -1.59 -4.71 1.14
N PRO A 10 -1.06 -3.67 0.46
CA PRO A 10 0.11 -2.92 0.92
C PRO A 10 -0.17 -2.13 2.21
N ARG A 11 0.71 -2.28 3.23
CA ARG A 11 0.61 -1.63 4.57
C ARG A 11 0.82 -0.11 4.57
N ARG A 12 1.26 0.48 3.46
CA ARG A 12 1.42 1.94 3.23
C ARG A 12 0.08 2.70 3.29
N TYR A 13 0.13 4.02 3.02
CA TYR A 13 -0.97 4.96 3.20
C TYR A 13 -1.03 5.98 2.04
N LYS A 14 -2.24 6.40 1.63
CA LYS A 14 -2.44 7.47 0.62
C LYS A 14 -1.86 8.84 1.00
N GLN A 15 -1.55 9.08 2.28
CA GLN A 15 -0.97 10.35 2.77
C GLN A 15 0.46 10.62 2.24
N ILE A 16 1.19 9.59 1.78
CA ILE A 16 2.51 9.72 1.11
C ILE A 16 2.49 9.28 -0.37
N GLY A 17 1.45 8.57 -0.81
CA GLY A 17 1.25 8.13 -2.20
C GLY A 17 2.32 7.15 -2.70
N THR A 18 2.32 5.93 -2.17
CA THR A 18 3.31 4.87 -2.48
C THR A 18 3.38 4.49 -3.97
N CYS A 19 2.22 4.49 -4.65
CA CYS A 19 2.01 4.23 -6.08
C CYS A 19 2.91 3.11 -6.67
N GLY A 20 2.85 1.91 -6.09
CA GLY A 20 3.76 0.79 -6.41
C GLY A 20 3.60 -0.39 -5.45
N LEU A 21 4.63 -1.25 -5.39
CA LEU A 21 4.73 -2.41 -4.49
C LEU A 21 5.74 -2.11 -3.35
N PRO A 22 5.30 -1.53 -2.20
CA PRO A 22 6.20 -1.16 -1.09
C PRO A 22 6.75 -2.36 -0.29
N GLY A 23 6.16 -3.54 -0.43
CA GLY A 23 6.55 -4.75 0.28
C GLY A 23 5.45 -5.81 0.31
N THR A 24 5.54 -6.82 -0.56
CA THR A 24 4.57 -7.94 -0.65
C THR A 24 4.35 -8.64 0.70
N LYS A 25 5.45 -9.00 1.39
CA LYS A 25 5.44 -9.60 2.73
C LYS A 25 5.01 -8.66 3.87
N CYS A 26 5.00 -7.35 3.63
CA CYS A 26 4.63 -6.32 4.62
C CYS A 26 3.11 -6.24 4.87
N CYS A 27 2.29 -6.85 4.00
CA CYS A 27 0.82 -6.94 4.12
C CYS A 27 0.37 -7.38 5.52
N LYS A 28 -0.20 -6.43 6.27
CA LYS A 28 -0.69 -6.60 7.66
C LYS A 28 -1.89 -5.69 7.94
N LYS A 29 -1.70 -4.37 7.79
CA LYS A 29 -2.71 -3.33 8.06
C LYS A 29 -2.81 -2.30 6.90
N PRO A 30 -3.39 -2.69 5.75
CA PRO A 30 -3.70 -1.78 4.63
C PRO A 30 -4.84 -0.79 4.97
N GLY A 1 -10.37 4.06 -1.31
CA GLY A 1 -9.34 5.11 -1.21
C GLY A 1 -8.54 5.02 0.08
N ALA A 2 -7.56 4.11 0.13
CA ALA A 2 -6.65 3.94 1.28
C ALA A 2 -5.15 3.93 0.89
N ILE A 3 -4.83 3.53 -0.36
CA ILE A 3 -3.51 3.55 -1.00
C ILE A 3 -3.66 4.11 -2.44
N CYS A 4 -2.59 4.63 -3.02
CA CYS A 4 -2.54 5.22 -4.38
C CYS A 4 -3.12 4.31 -5.49
N HIS A 5 -2.50 3.15 -5.75
CA HIS A 5 -2.95 2.16 -6.73
C HIS A 5 -2.59 0.72 -6.28
N PRO A 6 -3.29 0.17 -5.26
CA PRO A 6 -3.02 -1.17 -4.74
C PRO A 6 -3.50 -2.28 -5.70
N VAL A 7 -2.85 -3.44 -5.61
CA VAL A 7 -3.20 -4.68 -6.36
C VAL A 7 -3.31 -5.93 -5.46
N PHE A 8 -2.97 -5.79 -4.17
CA PHE A 8 -3.06 -6.81 -3.12
C PHE A 8 -3.50 -6.17 -1.78
N CYS A 9 -2.62 -6.07 -0.78
CA CYS A 9 -2.92 -5.47 0.54
C CYS A 9 -1.70 -4.73 1.15
N PRO A 10 -1.18 -3.66 0.50
CA PRO A 10 0.05 -3.00 0.94
C PRO A 10 -0.15 -2.18 2.23
N ARG A 11 0.81 -2.26 3.16
CA ARG A 11 0.78 -1.61 4.49
C ARG A 11 0.88 -0.07 4.45
N ARG A 12 1.45 0.50 3.38
CA ARG A 12 1.54 1.95 3.15
C ARG A 12 0.17 2.63 3.02
N TYR A 13 0.17 3.95 2.95
CA TYR A 13 -1.00 4.81 3.07
C TYR A 13 -1.05 5.86 1.95
N LYS A 14 -2.26 6.32 1.57
CA LYS A 14 -2.47 7.38 0.57
C LYS A 14 -1.83 8.73 0.93
N GLN A 15 -1.61 9.01 2.22
CA GLN A 15 -1.06 10.28 2.72
C GLN A 15 0.37 10.60 2.24
N ILE A 16 1.13 9.61 1.74
CA ILE A 16 2.45 9.79 1.10
C ILE A 16 2.49 9.41 -0.40
N GLY A 17 1.41 8.83 -0.94
CA GLY A 17 1.32 8.35 -2.32
C GLY A 17 2.44 7.38 -2.74
N THR A 18 2.47 6.18 -2.14
CA THR A 18 3.48 5.14 -2.42
C THR A 18 3.55 4.69 -3.90
N CYS A 19 2.39 4.66 -4.58
CA CYS A 19 2.17 4.35 -5.99
C CYS A 19 3.11 3.25 -6.56
N GLY A 20 3.04 2.03 -6.02
CA GLY A 20 3.93 0.92 -6.33
C GLY A 20 3.76 -0.28 -5.39
N LEU A 21 4.80 -1.12 -5.31
CA LEU A 21 4.88 -2.30 -4.42
C LEU A 21 5.87 -2.05 -3.25
N PRO A 22 5.42 -1.44 -2.12
CA PRO A 22 6.29 -1.13 -0.98
C PRO A 22 6.71 -2.37 -0.16
N GLY A 23 6.05 -3.51 -0.35
CA GLY A 23 6.33 -4.76 0.34
C GLY A 23 5.15 -5.73 0.33
N THR A 24 5.10 -6.65 -0.64
CA THR A 24 4.06 -7.70 -0.75
C THR A 24 3.92 -8.51 0.54
N LYS A 25 5.05 -8.95 1.10
CA LYS A 25 5.17 -9.65 2.41
C LYS A 25 4.82 -8.78 3.64
N CYS A 26 4.76 -7.46 3.50
CA CYS A 26 4.48 -6.49 4.56
C CYS A 26 2.96 -6.33 4.85
N CYS A 27 2.09 -6.97 4.06
CA CYS A 27 0.63 -6.99 4.26
C CYS A 27 0.22 -7.44 5.69
N LYS A 28 -0.20 -6.48 6.52
CA LYS A 28 -0.75 -6.66 7.88
C LYS A 28 -1.65 -5.52 8.36
N LYS A 29 -1.27 -4.26 8.07
CA LYS A 29 -2.00 -3.02 8.45
C LYS A 29 -2.22 -2.07 7.24
N PRO A 30 -3.01 -2.46 6.22
CA PRO A 30 -3.43 -1.57 5.13
C PRO A 30 -4.40 -0.47 5.64
N GLY A 1 -10.59 4.32 0.08
CA GLY A 1 -9.36 4.85 -0.53
C GLY A 1 -8.21 4.97 0.47
N ALA A 2 -7.49 3.88 0.70
CA ALA A 2 -6.39 3.80 1.69
C ALA A 2 -4.97 3.84 1.07
N ILE A 3 -4.83 3.56 -0.23
CA ILE A 3 -3.60 3.56 -1.04
C ILE A 3 -3.89 4.23 -2.40
N CYS A 4 -2.85 4.78 -3.06
CA CYS A 4 -2.93 5.41 -4.39
C CYS A 4 -3.55 4.46 -5.46
N HIS A 5 -2.89 3.34 -5.73
CA HIS A 5 -3.33 2.31 -6.67
C HIS A 5 -2.88 0.90 -6.22
N PRO A 6 -3.58 0.26 -5.28
CA PRO A 6 -3.21 -1.07 -4.77
C PRO A 6 -3.56 -2.17 -5.79
N VAL A 7 -2.77 -3.25 -5.80
CA VAL A 7 -2.94 -4.43 -6.67
C VAL A 7 -2.94 -5.75 -5.85
N PHE A 8 -2.53 -5.70 -4.58
CA PHE A 8 -2.34 -6.84 -3.67
C PHE A 8 -2.63 -6.43 -2.22
N CYS A 9 -1.64 -6.34 -1.33
CA CYS A 9 -1.79 -5.91 0.07
C CYS A 9 -0.60 -5.04 0.56
N PRO A 10 -0.44 -3.80 0.06
CA PRO A 10 0.63 -2.89 0.48
C PRO A 10 0.37 -2.29 1.88
N ARG A 11 1.39 -2.30 2.77
CA ARG A 11 1.34 -1.73 4.13
C ARG A 11 1.38 -0.19 4.17
N ARG A 12 1.94 0.47 3.15
CA ARG A 12 2.03 1.94 3.05
C ARG A 12 0.66 2.63 2.93
N TYR A 13 0.65 3.96 3.00
CA TYR A 13 -0.55 4.80 3.10
C TYR A 13 -0.68 5.77 1.91
N LYS A 14 -1.92 6.15 1.56
CA LYS A 14 -2.21 7.19 0.54
C LYS A 14 -1.66 8.59 0.86
N GLN A 15 -1.44 8.92 2.14
CA GLN A 15 -0.89 10.23 2.57
C GLN A 15 0.52 10.54 2.06
N ILE A 16 1.28 9.54 1.59
CA ILE A 16 2.61 9.70 0.96
C ILE A 16 2.63 9.28 -0.52
N GLY A 17 1.46 9.01 -1.11
CA GLY A 17 1.27 8.69 -2.54
C GLY A 17 1.94 7.39 -2.99
N THR A 18 1.71 6.29 -2.27
CA THR A 18 2.28 4.96 -2.56
C THR A 18 1.64 4.28 -3.79
N CYS A 19 1.96 4.80 -4.98
CA CYS A 19 1.52 4.27 -6.28
C CYS A 19 2.41 3.11 -6.80
N GLY A 20 3.50 2.79 -6.07
CA GLY A 20 4.46 1.72 -6.35
C GLY A 20 4.13 0.39 -5.66
N LEU A 21 5.15 -0.46 -5.48
CA LEU A 21 5.05 -1.81 -4.88
C LEU A 21 5.93 -1.95 -3.61
N PRO A 22 5.43 -1.51 -2.43
CA PRO A 22 6.10 -1.69 -1.13
C PRO A 22 6.00 -3.15 -0.62
N GLY A 23 6.39 -3.39 0.65
CA GLY A 23 6.43 -4.69 1.35
C GLY A 23 5.09 -5.43 1.43
N THR A 24 4.68 -6.07 0.33
CA THR A 24 3.42 -6.81 0.15
C THR A 24 3.34 -8.06 1.04
N LYS A 25 4.49 -8.69 1.33
CA LYS A 25 4.62 -9.84 2.25
C LYS A 25 4.19 -9.56 3.70
N CYS A 26 4.15 -8.30 4.13
CA CYS A 26 3.78 -7.88 5.49
C CYS A 26 2.26 -7.99 5.73
N CYS A 27 1.45 -7.36 4.86
CA CYS A 27 -0.02 -7.33 4.86
C CYS A 27 -0.66 -7.22 6.26
N LYS A 28 -0.21 -6.25 7.08
CA LYS A 28 -0.62 -6.08 8.49
C LYS A 28 -1.49 -4.85 8.77
N LYS A 29 -1.38 -3.79 7.95
CA LYS A 29 -2.16 -2.54 8.03
C LYS A 29 -2.36 -1.89 6.64
N PRO A 30 -3.15 -2.51 5.74
CA PRO A 30 -3.52 -1.94 4.43
C PRO A 30 -4.69 -0.92 4.56
N GLY A 1 -10.45 3.66 -0.93
CA GLY A 1 -9.42 4.72 -0.95
C GLY A 1 -8.59 4.75 0.31
N ALA A 2 -7.55 3.91 0.39
CA ALA A 2 -6.59 3.86 1.51
C ALA A 2 -5.10 3.83 1.06
N ILE A 3 -4.83 3.49 -0.20
CA ILE A 3 -3.53 3.52 -0.89
C ILE A 3 -3.73 4.11 -2.30
N CYS A 4 -2.69 4.65 -2.93
CA CYS A 4 -2.71 5.25 -4.28
C CYS A 4 -3.31 4.32 -5.37
N HIS A 5 -2.62 3.24 -5.71
CA HIS A 5 -3.04 2.22 -6.69
C HIS A 5 -2.63 0.81 -6.22
N PRO A 6 -3.33 0.23 -5.22
CA PRO A 6 -3.05 -1.13 -4.72
C PRO A 6 -3.56 -2.19 -5.70
N VAL A 7 -2.84 -3.31 -5.80
CA VAL A 7 -3.16 -4.48 -6.65
C VAL A 7 -3.13 -5.81 -5.86
N PHE A 8 -2.71 -5.75 -4.59
CA PHE A 8 -2.42 -6.89 -3.71
C PHE A 8 -2.72 -6.52 -2.23
N CYS A 9 -1.72 -6.35 -1.36
CA CYS A 9 -1.88 -5.86 0.01
C CYS A 9 -0.65 -5.03 0.49
N PRO A 10 -0.46 -3.80 -0.03
CA PRO A 10 0.65 -2.94 0.38
C PRO A 10 0.40 -2.30 1.77
N ARG A 11 1.40 -2.37 2.66
CA ARG A 11 1.36 -1.79 4.02
C ARG A 11 1.28 -0.24 4.07
N ARG A 12 1.77 0.45 3.04
CA ARG A 12 1.79 1.94 2.94
C ARG A 12 0.38 2.56 2.85
N TYR A 13 0.34 3.90 2.91
CA TYR A 13 -0.87 4.71 3.03
C TYR A 13 -0.99 5.73 1.88
N LYS A 14 -2.21 6.17 1.56
CA LYS A 14 -2.49 7.23 0.57
C LYS A 14 -1.87 8.59 0.90
N GLN A 15 -1.62 8.89 2.17
CA GLN A 15 -1.13 10.20 2.63
C GLN A 15 0.26 10.60 2.08
N ILE A 16 1.10 9.62 1.72
CA ILE A 16 2.38 9.83 1.02
C ILE A 16 2.33 9.59 -0.50
N GLY A 17 1.26 8.97 -1.01
CA GLY A 17 1.13 8.55 -2.42
C GLY A 17 2.23 7.59 -2.88
N THR A 18 2.31 6.39 -2.28
CA THR A 18 3.36 5.38 -2.57
C THR A 18 3.40 4.92 -4.05
N CYS A 19 2.21 4.77 -4.67
CA CYS A 19 1.97 4.35 -6.06
C CYS A 19 2.95 3.27 -6.58
N GLY A 20 3.02 2.12 -5.90
CA GLY A 20 4.00 1.06 -6.15
C GLY A 20 3.77 -0.21 -5.33
N LEU A 21 4.83 -1.03 -5.18
CA LEU A 21 4.86 -2.29 -4.40
C LEU A 21 5.84 -2.21 -3.19
N PRO A 22 5.52 -1.42 -2.14
CA PRO A 22 6.42 -1.14 -1.03
C PRO A 22 6.55 -2.27 0.01
N GLY A 23 5.58 -3.18 0.09
CA GLY A 23 5.49 -4.20 1.15
C GLY A 23 4.22 -5.05 1.04
N THR A 24 4.18 -5.94 0.05
CA THR A 24 3.09 -6.92 -0.15
C THR A 24 3.18 -8.10 0.82
N LYS A 25 4.42 -8.56 1.10
CA LYS A 25 4.72 -9.79 1.86
C LYS A 25 4.47 -9.71 3.38
N CYS A 26 4.03 -8.56 3.90
CA CYS A 26 3.71 -8.32 5.30
C CYS A 26 2.21 -8.08 5.57
N CYS A 27 1.53 -7.25 4.77
CA CYS A 27 0.07 -7.02 4.77
C CYS A 27 -0.53 -6.63 6.16
N LYS A 28 0.27 -6.07 7.08
CA LYS A 28 -0.08 -5.96 8.52
C LYS A 28 -1.06 -4.82 8.87
N LYS A 29 -0.95 -3.67 8.19
CA LYS A 29 -1.82 -2.47 8.33
C LYS A 29 -2.04 -1.75 6.98
N PRO A 30 -2.73 -2.37 6.01
CA PRO A 30 -3.15 -1.70 4.76
C PRO A 30 -4.23 -0.63 5.02
N GLY A 1 -10.89 4.51 -0.17
CA GLY A 1 -9.59 5.20 -0.29
C GLY A 1 -8.64 4.77 0.81
N ALA A 2 -7.54 4.10 0.45
CA ALA A 2 -6.53 3.57 1.40
C ALA A 2 -5.08 3.72 0.92
N ILE A 3 -4.79 3.38 -0.35
CA ILE A 3 -3.49 3.50 -1.04
C ILE A 3 -3.70 4.12 -2.44
N CYS A 4 -2.63 4.68 -3.03
CA CYS A 4 -2.62 5.27 -4.38
C CYS A 4 -3.24 4.36 -5.46
N HIS A 5 -2.61 3.21 -5.75
CA HIS A 5 -3.09 2.21 -6.70
C HIS A 5 -2.67 0.79 -6.27
N PRO A 6 -3.31 0.22 -5.24
CA PRO A 6 -2.98 -1.12 -4.74
C PRO A 6 -3.48 -2.23 -5.69
N VAL A 7 -2.73 -3.34 -5.75
CA VAL A 7 -3.05 -4.55 -6.54
C VAL A 7 -2.93 -5.84 -5.68
N PHE A 8 -2.55 -5.70 -4.41
CA PHE A 8 -2.19 -6.77 -3.47
C PHE A 8 -2.57 -6.34 -2.03
N CYS A 9 -1.61 -6.23 -1.10
CA CYS A 9 -1.84 -5.82 0.30
C CYS A 9 -0.68 -4.97 0.87
N PRO A 10 -0.47 -3.73 0.36
CA PRO A 10 0.61 -2.85 0.83
C PRO A 10 0.25 -2.17 2.17
N ARG A 11 1.19 -2.17 3.13
CA ARG A 11 1.03 -1.56 4.48
C ARG A 11 1.03 -0.01 4.48
N ARG A 12 1.62 0.62 3.46
CA ARG A 12 1.70 2.09 3.27
C ARG A 12 0.33 2.75 3.08
N TYR A 13 0.32 4.09 3.00
CA TYR A 13 -0.86 4.95 3.06
C TYR A 13 -1.01 5.82 1.80
N LYS A 14 -2.24 6.24 1.47
CA LYS A 14 -2.54 7.22 0.40
C LYS A 14 -1.93 8.61 0.64
N GLN A 15 -1.77 9.03 1.89
CA GLN A 15 -1.30 10.39 2.26
C GLN A 15 0.15 10.72 1.84
N ILE A 16 0.95 9.70 1.48
CA ILE A 16 2.33 9.84 0.93
C ILE A 16 2.46 9.38 -0.53
N GLY A 17 1.36 8.96 -1.17
CA GLY A 17 1.30 8.55 -2.59
C GLY A 17 2.33 7.48 -2.98
N THR A 18 2.30 6.33 -2.30
CA THR A 18 3.25 5.20 -2.42
C THR A 18 3.17 4.39 -3.74
N CYS A 19 2.61 4.96 -4.81
CA CYS A 19 2.24 4.35 -6.09
C CYS A 19 3.27 3.33 -6.62
N GLY A 20 3.06 2.03 -6.36
CA GLY A 20 4.09 0.99 -6.47
C GLY A 20 3.89 -0.19 -5.51
N LEU A 21 4.97 -0.91 -5.21
CA LEU A 21 5.02 -2.16 -4.42
C LEU A 21 5.93 -2.05 -3.17
N PRO A 22 5.49 -1.38 -2.09
CA PRO A 22 6.32 -1.13 -0.91
C PRO A 22 6.51 -2.33 0.05
N GLY A 23 5.66 -3.35 -0.02
CA GLY A 23 5.72 -4.51 0.89
C GLY A 23 4.50 -5.45 0.79
N THR A 24 4.38 -6.18 -0.32
CA THR A 24 3.30 -7.14 -0.59
C THR A 24 3.21 -8.25 0.48
N LYS A 25 4.35 -8.87 0.81
CA LYS A 25 4.45 -9.99 1.77
C LYS A 25 4.14 -9.63 3.23
N CYS A 26 4.16 -8.32 3.57
CA CYS A 26 3.90 -7.81 4.92
C CYS A 26 2.41 -7.95 5.31
N CYS A 27 1.52 -7.30 4.55
CA CYS A 27 0.05 -7.32 4.71
C CYS A 27 -0.47 -7.13 6.17
N LYS A 28 0.23 -6.30 6.97
CA LYS A 28 -0.04 -6.09 8.40
C LYS A 28 -1.21 -5.12 8.63
N LYS A 29 -1.09 -3.88 8.13
CA LYS A 29 -2.05 -2.77 8.35
C LYS A 29 -2.30 -1.95 7.06
N PRO A 30 -2.99 -2.52 6.05
CA PRO A 30 -3.44 -1.78 4.85
C PRO A 30 -4.55 -0.76 5.20
N GLY A 1 -10.75 4.84 -0.20
CA GLY A 1 -9.54 5.70 -0.36
C GLY A 1 -8.54 5.45 0.76
N ALA A 2 -7.61 4.51 0.56
CA ALA A 2 -6.60 4.09 1.56
C ALA A 2 -5.16 4.08 1.03
N ILE A 3 -4.96 3.73 -0.25
CA ILE A 3 -3.69 3.70 -1.00
C ILE A 3 -3.90 4.31 -2.41
N CYS A 4 -2.84 4.82 -3.04
CA CYS A 4 -2.84 5.36 -4.42
C CYS A 4 -3.44 4.38 -5.44
N HIS A 5 -2.77 3.25 -5.68
CA HIS A 5 -3.20 2.18 -6.60
C HIS A 5 -2.71 0.81 -6.10
N PRO A 6 -3.40 0.20 -5.10
CA PRO A 6 -3.02 -1.11 -4.57
C PRO A 6 -3.39 -2.24 -5.54
N VAL A 7 -2.58 -3.31 -5.55
CA VAL A 7 -2.79 -4.53 -6.35
C VAL A 7 -2.83 -5.80 -5.48
N PHE A 8 -2.51 -5.68 -4.19
CA PHE A 8 -2.42 -6.76 -3.19
C PHE A 8 -2.92 -6.25 -1.81
N CYS A 9 -2.03 -5.97 -0.85
CA CYS A 9 -2.36 -5.58 0.52
C CYS A 9 -1.28 -4.68 1.20
N PRO A 10 -0.80 -3.59 0.55
CA PRO A 10 0.32 -2.79 1.04
C PRO A 10 -0.01 -2.00 2.34
N ARG A 11 0.85 -2.10 3.37
CA ARG A 11 0.69 -1.46 4.69
C ARG A 11 0.75 0.08 4.67
N ARG A 12 1.45 0.66 3.68
CA ARG A 12 1.61 2.12 3.45
C ARG A 12 0.28 2.83 3.16
N TYR A 13 0.31 4.17 3.07
CA TYR A 13 -0.86 5.06 3.11
C TYR A 13 -0.96 5.97 1.87
N LYS A 14 -2.17 6.44 1.54
CA LYS A 14 -2.43 7.43 0.48
C LYS A 14 -1.73 8.78 0.71
N GLN A 15 -1.50 9.18 1.95
CA GLN A 15 -0.89 10.48 2.31
C GLN A 15 0.55 10.69 1.79
N ILE A 16 1.24 9.62 1.39
CA ILE A 16 2.59 9.65 0.76
C ILE A 16 2.59 9.08 -0.68
N GLY A 17 1.42 8.72 -1.22
CA GLY A 17 1.21 8.29 -2.61
C GLY A 17 2.06 7.10 -3.06
N THR A 18 1.93 5.95 -2.38
CA THR A 18 2.68 4.71 -2.69
C THR A 18 2.16 3.98 -3.95
N CYS A 19 2.20 4.66 -5.10
CA CYS A 19 1.74 4.13 -6.40
C CYS A 19 2.63 3.00 -6.95
N GLY A 20 3.77 2.71 -6.32
CA GLY A 20 4.70 1.60 -6.60
C GLY A 20 4.41 0.34 -5.76
N LEU A 21 5.47 -0.36 -5.34
CA LEU A 21 5.42 -1.62 -4.58
C LEU A 21 6.22 -1.51 -3.26
N PRO A 22 5.59 -1.10 -2.13
CA PRO A 22 6.28 -0.96 -0.84
C PRO A 22 6.61 -2.31 -0.16
N GLY A 23 5.88 -3.37 -0.53
CA GLY A 23 6.10 -4.76 -0.09
C GLY A 23 4.79 -5.57 0.00
N THR A 24 4.91 -6.89 -0.13
CA THR A 24 3.79 -7.85 -0.22
C THR A 24 3.92 -9.04 0.75
N LYS A 25 5.14 -9.33 1.22
CA LYS A 25 5.40 -10.35 2.27
C LYS A 25 4.81 -9.99 3.66
N CYS A 26 4.61 -8.69 3.92
CA CYS A 26 4.15 -8.16 5.21
C CYS A 26 2.62 -8.22 5.36
N CYS A 27 1.88 -7.46 4.54
CA CYS A 27 0.41 -7.30 4.54
C CYS A 27 -0.26 -7.29 5.92
N LYS A 28 0.22 -6.42 6.83
CA LYS A 28 -0.29 -6.24 8.20
C LYS A 28 -1.63 -5.48 8.24
N LYS A 29 -1.61 -4.19 7.88
CA LYS A 29 -2.74 -3.25 8.00
C LYS A 29 -2.81 -2.28 6.79
N PRO A 30 -3.34 -2.73 5.63
CA PRO A 30 -3.71 -1.84 4.52
C PRO A 30 -4.91 -0.94 4.88
N GLY A 1 -10.80 5.73 -0.35
CA GLY A 1 -9.38 5.76 -0.78
C GLY A 1 -8.44 5.56 0.40
N ALA A 2 -7.65 4.48 0.39
CA ALA A 2 -6.70 4.12 1.44
C ALA A 2 -5.23 4.00 0.95
N ILE A 3 -5.04 3.64 -0.32
CA ILE A 3 -3.76 3.52 -1.05
C ILE A 3 -3.90 4.21 -2.42
N CYS A 4 -2.78 4.70 -2.99
CA CYS A 4 -2.72 5.28 -4.33
C CYS A 4 -3.22 4.32 -5.43
N HIS A 5 -2.52 3.21 -5.64
CA HIS A 5 -2.87 2.14 -6.59
C HIS A 5 -2.38 0.76 -6.08
N PRO A 6 -3.15 0.08 -5.21
CA PRO A 6 -2.77 -1.23 -4.67
C PRO A 6 -2.99 -2.36 -5.69
N VAL A 7 -2.29 -3.47 -5.50
CA VAL A 7 -2.42 -4.72 -6.30
C VAL A 7 -2.66 -5.96 -5.41
N PHE A 8 -2.44 -5.84 -4.10
CA PHE A 8 -2.62 -6.91 -3.10
C PHE A 8 -3.26 -6.36 -1.81
N CYS A 9 -2.46 -5.94 -0.82
CA CYS A 9 -2.86 -5.35 0.46
C CYS A 9 -1.70 -4.61 1.16
N PRO A 10 -1.03 -3.64 0.50
CA PRO A 10 0.17 -2.97 1.03
C PRO A 10 -0.11 -2.15 2.31
N ARG A 11 0.81 -2.22 3.29
CA ARG A 11 0.73 -1.55 4.61
C ARG A 11 0.99 -0.03 4.60
N ARG A 12 1.37 0.54 3.45
CA ARG A 12 1.52 1.99 3.21
C ARG A 12 0.19 2.77 3.34
N TYR A 13 0.25 4.08 3.08
CA TYR A 13 -0.84 5.04 3.32
C TYR A 13 -0.97 6.05 2.18
N LYS A 14 -2.20 6.41 1.77
CA LYS A 14 -2.45 7.45 0.74
C LYS A 14 -1.94 8.86 1.08
N GLN A 15 -1.62 9.14 2.35
CA GLN A 15 -1.00 10.41 2.78
C GLN A 15 0.42 10.66 2.20
N ILE A 16 1.14 9.62 1.74
CA ILE A 16 2.45 9.76 1.06
C ILE A 16 2.45 9.32 -0.41
N GLY A 17 1.39 8.62 -0.87
CA GLY A 17 1.22 8.16 -2.25
C GLY A 17 2.32 7.20 -2.73
N THR A 18 2.35 5.98 -2.17
CA THR A 18 3.33 4.93 -2.53
C THR A 18 3.33 4.54 -4.03
N CYS A 19 2.15 4.55 -4.65
CA CYS A 19 1.87 4.28 -6.07
C CYS A 19 2.76 3.17 -6.70
N GLY A 20 2.77 1.98 -6.08
CA GLY A 20 3.68 0.88 -6.41
C GLY A 20 3.52 -0.34 -5.49
N LEU A 21 4.55 -1.21 -5.48
CA LEU A 21 4.64 -2.41 -4.65
C LEU A 21 5.67 -2.20 -3.50
N PRO A 22 5.28 -1.66 -2.34
CA PRO A 22 6.20 -1.33 -1.24
C PRO A 22 6.74 -2.54 -0.45
N GLY A 23 6.15 -3.73 -0.62
CA GLY A 23 6.56 -4.97 0.06
C GLY A 23 5.44 -5.99 0.18
N THR A 24 5.46 -7.05 -0.64
CA THR A 24 4.45 -8.13 -0.69
C THR A 24 4.16 -8.73 0.69
N LYS A 25 5.20 -9.16 1.42
CA LYS A 25 5.11 -9.74 2.78
C LYS A 25 4.74 -8.74 3.88
N CYS A 26 4.77 -7.44 3.60
CA CYS A 26 4.45 -6.38 4.56
C CYS A 26 2.94 -6.26 4.85
N CYS A 27 2.08 -6.84 4.00
CA CYS A 27 0.61 -6.86 4.15
C CYS A 27 0.16 -7.31 5.56
N LYS A 28 -0.35 -6.35 6.35
CA LYS A 28 -0.80 -6.51 7.74
C LYS A 28 -1.91 -5.51 8.08
N LYS A 29 -1.62 -4.21 7.91
CA LYS A 29 -2.52 -3.06 8.15
C LYS A 29 -2.61 -2.12 6.93
N PRO A 30 -3.29 -2.52 5.83
CA PRO A 30 -3.65 -1.64 4.73
C PRO A 30 -4.71 -0.58 5.12
N GLY A 1 -10.90 5.81 -0.65
CA GLY A 1 -9.55 5.27 -0.97
C GLY A 1 -8.63 5.33 0.25
N ALA A 2 -7.73 4.35 0.38
CA ALA A 2 -6.73 4.22 1.44
C ALA A 2 -5.27 4.11 0.96
N ILE A 3 -5.07 3.74 -0.31
CA ILE A 3 -3.78 3.61 -1.03
C ILE A 3 -3.89 4.32 -2.40
N CYS A 4 -2.77 4.77 -2.97
CA CYS A 4 -2.71 5.35 -4.32
C CYS A 4 -3.21 4.39 -5.42
N HIS A 5 -2.52 3.26 -5.62
CA HIS A 5 -2.88 2.23 -6.60
C HIS A 5 -2.40 0.83 -6.13
N PRO A 6 -3.16 0.15 -5.24
CA PRO A 6 -2.79 -1.16 -4.71
C PRO A 6 -3.04 -2.29 -5.71
N VAL A 7 -2.36 -3.43 -5.51
CA VAL A 7 -2.51 -4.67 -6.31
C VAL A 7 -2.77 -5.91 -5.42
N PHE A 8 -2.54 -5.80 -4.11
CA PHE A 8 -2.69 -6.87 -3.12
C PHE A 8 -3.29 -6.33 -1.80
N CYS A 9 -2.46 -5.90 -0.84
CA CYS A 9 -2.83 -5.34 0.46
C CYS A 9 -1.65 -4.60 1.15
N PRO A 10 -1.01 -3.61 0.49
CA PRO A 10 0.19 -2.94 1.02
C PRO A 10 -0.09 -2.12 2.30
N ARG A 11 0.81 -2.20 3.28
CA ARG A 11 0.74 -1.54 4.61
C ARG A 11 1.00 -0.02 4.60
N ARG A 12 1.41 0.55 3.46
CA ARG A 12 1.57 2.00 3.22
C ARG A 12 0.23 2.77 3.30
N TYR A 13 0.27 4.07 3.04
CA TYR A 13 -0.83 5.01 3.25
C TYR A 13 -0.95 6.01 2.09
N LYS A 14 -2.18 6.44 1.76
CA LYS A 14 -2.44 7.51 0.77
C LYS A 14 -1.77 8.86 1.08
N GLN A 15 -1.48 9.16 2.35
CA GLN A 15 -0.83 10.40 2.78
C GLN A 15 0.61 10.61 2.24
N ILE A 16 1.29 9.55 1.79
CA ILE A 16 2.62 9.64 1.14
C ILE A 16 2.63 9.19 -0.34
N GLY A 17 1.55 8.57 -0.82
CA GLY A 17 1.36 8.17 -2.23
C GLY A 17 2.41 7.17 -2.73
N THR A 18 2.38 5.94 -2.19
CA THR A 18 3.33 4.86 -2.55
C THR A 18 3.31 4.47 -4.04
N CYS A 19 2.13 4.54 -4.67
CA CYS A 19 1.83 4.30 -6.09
C CYS A 19 2.64 3.16 -6.74
N GLY A 20 2.61 1.98 -6.12
CA GLY A 20 3.47 0.83 -6.46
C GLY A 20 3.39 -0.29 -5.42
N LEU A 21 4.37 -1.21 -5.46
CA LEU A 21 4.55 -2.33 -4.53
C LEU A 21 5.65 -1.99 -3.49
N PRO A 22 5.31 -1.56 -2.26
CA PRO A 22 6.28 -1.28 -1.20
C PRO A 22 6.85 -2.53 -0.51
N GLY A 23 6.19 -3.69 -0.62
CA GLY A 23 6.62 -4.97 -0.06
C GLY A 23 5.49 -5.98 0.12
N THR A 24 5.54 -7.11 -0.61
CA THR A 24 4.54 -8.19 -0.60
C THR A 24 4.23 -8.71 0.81
N LYS A 25 5.27 -9.16 1.53
CA LYS A 25 5.16 -9.72 2.90
C LYS A 25 4.70 -8.71 3.97
N CYS A 26 4.79 -7.41 3.68
CA CYS A 26 4.45 -6.32 4.60
C CYS A 26 2.94 -6.21 4.86
N CYS A 27 2.10 -6.80 4.00
CA CYS A 27 0.63 -6.86 4.14
C CYS A 27 0.18 -7.33 5.54
N LYS A 28 -0.34 -6.37 6.33
CA LYS A 28 -0.83 -6.55 7.72
C LYS A 28 -1.95 -5.55 8.04
N LYS A 29 -1.68 -4.25 7.85
CA LYS A 29 -2.59 -3.12 8.14
C LYS A 29 -2.68 -2.13 6.95
N PRO A 30 -3.32 -2.53 5.83
CA PRO A 30 -3.65 -1.61 4.73
C PRO A 30 -4.72 -0.56 5.12
N GLY A 1 -10.72 4.61 -0.48
CA GLY A 1 -9.35 4.79 -1.01
C GLY A 1 -8.36 5.03 0.12
N ALA A 2 -7.61 3.98 0.51
CA ALA A 2 -6.61 4.01 1.60
C ALA A 2 -5.15 4.00 1.10
N ILE A 3 -4.91 3.59 -0.15
CA ILE A 3 -3.61 3.56 -0.84
C ILE A 3 -3.79 4.16 -2.26
N CYS A 4 -2.72 4.73 -2.84
CA CYS A 4 -2.70 5.32 -4.18
C CYS A 4 -3.25 4.39 -5.29
N HIS A 5 -2.57 3.26 -5.53
CA HIS A 5 -2.95 2.25 -6.52
C HIS A 5 -2.47 0.84 -6.08
N PRO A 6 -3.17 0.20 -5.12
CA PRO A 6 -2.78 -1.10 -4.60
C PRO A 6 -3.10 -2.24 -5.58
N VAL A 7 -2.39 -3.37 -5.43
CA VAL A 7 -2.55 -4.60 -6.24
C VAL A 7 -2.81 -5.85 -5.38
N PHE A 8 -2.57 -5.78 -4.06
CA PHE A 8 -2.76 -6.85 -3.09
C PHE A 8 -3.41 -6.31 -1.79
N CYS A 9 -2.60 -5.97 -0.78
CA CYS A 9 -3.01 -5.36 0.50
C CYS A 9 -1.85 -4.62 1.20
N PRO A 10 -1.13 -3.69 0.52
CA PRO A 10 0.07 -3.05 1.06
C PRO A 10 -0.21 -2.18 2.31
N ARG A 11 0.73 -2.20 3.27
CA ARG A 11 0.66 -1.47 4.55
C ARG A 11 0.81 0.06 4.43
N ARG A 12 1.42 0.55 3.34
CA ARG A 12 1.60 1.98 3.03
C ARG A 12 0.26 2.73 2.89
N TYR A 13 0.34 4.06 2.87
CA TYR A 13 -0.79 4.97 3.06
C TYR A 13 -0.91 5.99 1.91
N LYS A 14 -2.14 6.40 1.58
CA LYS A 14 -2.42 7.48 0.62
C LYS A 14 -1.81 8.84 0.97
N GLN A 15 -1.51 9.11 2.24
CA GLN A 15 -0.94 10.39 2.70
C GLN A 15 0.49 10.68 2.17
N ILE A 16 1.22 9.66 1.69
CA ILE A 16 2.53 9.82 1.02
C ILE A 16 2.51 9.53 -0.49
N GLY A 17 1.45 8.90 -1.01
CA GLY A 17 1.33 8.45 -2.41
C GLY A 17 2.43 7.47 -2.83
N THR A 18 2.43 6.26 -2.25
CA THR A 18 3.41 5.18 -2.57
C THR A 18 3.40 4.78 -4.06
N CYS A 19 2.21 4.70 -4.66
CA CYS A 19 1.91 4.39 -6.07
C CYS A 19 2.80 3.29 -6.68
N GLY A 20 2.87 2.12 -6.02
CA GLY A 20 3.78 1.02 -6.35
C GLY A 20 3.60 -0.21 -5.45
N LEU A 21 4.57 -1.13 -5.48
CA LEU A 21 4.64 -2.35 -4.67
C LEU A 21 5.68 -2.20 -3.54
N PRO A 22 5.31 -1.73 -2.33
CA PRO A 22 6.26 -1.42 -1.25
C PRO A 22 6.85 -2.64 -0.52
N GLY A 23 6.26 -3.83 -0.68
CA GLY A 23 6.69 -5.08 -0.03
C GLY A 23 5.56 -6.08 0.13
N THR A 24 5.56 -7.17 -0.65
CA THR A 24 4.50 -8.19 -0.69
C THR A 24 4.19 -8.78 0.69
N LYS A 25 5.23 -9.17 1.46
CA LYS A 25 5.11 -9.70 2.84
C LYS A 25 4.64 -8.68 3.88
N CYS A 26 4.64 -7.38 3.57
CA CYS A 26 4.30 -6.31 4.50
C CYS A 26 2.79 -6.19 4.80
N CYS A 27 1.93 -6.85 4.01
CA CYS A 27 0.47 -6.88 4.21
C CYS A 27 0.07 -7.38 5.62
N LYS A 28 -0.32 -6.45 6.48
CA LYS A 28 -0.97 -6.66 7.79
C LYS A 28 -1.97 -5.57 8.18
N LYS A 29 -1.65 -4.29 7.91
CA LYS A 29 -2.44 -3.09 8.26
C LYS A 29 -2.59 -2.11 7.08
N PRO A 30 -3.32 -2.49 6.00
CA PRO A 30 -3.69 -1.56 4.92
C PRO A 30 -4.67 -0.47 5.40
N GLY A 1 -10.74 4.47 0.34
CA GLY A 1 -9.50 5.08 -0.17
C GLY A 1 -8.40 5.11 0.88
N ALA A 2 -7.51 4.11 0.87
CA ALA A 2 -6.41 3.98 1.84
C ALA A 2 -5.00 3.92 1.18
N ILE A 3 -4.91 3.47 -0.08
CA ILE A 3 -3.69 3.42 -0.91
C ILE A 3 -3.97 4.01 -2.30
N CYS A 4 -2.92 4.53 -2.94
CA CYS A 4 -2.92 5.14 -4.28
C CYS A 4 -3.55 4.24 -5.37
N HIS A 5 -2.98 3.06 -5.62
CA HIS A 5 -3.55 2.02 -6.48
C HIS A 5 -3.02 0.61 -6.09
N PRO A 6 -3.62 -0.07 -5.11
CA PRO A 6 -3.15 -1.38 -4.63
C PRO A 6 -3.54 -2.52 -5.61
N VAL A 7 -2.63 -3.51 -5.75
CA VAL A 7 -2.83 -4.74 -6.55
C VAL A 7 -2.43 -6.01 -5.76
N PHE A 8 -1.96 -5.83 -4.52
CA PHE A 8 -1.40 -6.85 -3.61
C PHE A 8 -1.86 -6.54 -2.18
N CYS A 9 -0.96 -6.41 -1.19
CA CYS A 9 -1.30 -6.01 0.19
C CYS A 9 -0.28 -5.02 0.82
N PRO A 10 -0.22 -3.76 0.33
CA PRO A 10 0.69 -2.73 0.83
C PRO A 10 0.26 -2.18 2.21
N ARG A 11 1.18 -2.12 3.18
CA ARG A 11 0.97 -1.49 4.51
C ARG A 11 1.02 0.05 4.49
N ARG A 12 1.72 0.65 3.52
CA ARG A 12 1.84 2.12 3.33
C ARG A 12 0.50 2.79 3.01
N TYR A 13 0.51 4.13 2.98
CA TYR A 13 -0.68 5.00 2.94
C TYR A 13 -0.74 5.84 1.66
N LYS A 14 -1.95 6.30 1.28
CA LYS A 14 -2.17 7.23 0.15
C LYS A 14 -1.48 8.59 0.32
N GLN A 15 -1.30 9.07 1.55
CA GLN A 15 -0.73 10.41 1.86
C GLN A 15 0.73 10.62 1.44
N ILE A 16 1.46 9.54 1.08
CA ILE A 16 2.82 9.58 0.50
C ILE A 16 2.90 9.02 -0.94
N GLY A 17 1.75 8.74 -1.56
CA GLY A 17 1.61 8.35 -2.96
C GLY A 17 2.26 7.00 -3.32
N THR A 18 2.00 5.96 -2.52
CA THR A 18 2.63 4.62 -2.59
C THR A 18 2.17 3.73 -3.79
N CYS A 19 1.89 4.34 -4.96
CA CYS A 19 1.52 3.66 -6.20
C CYS A 19 2.61 2.71 -6.79
N GLY A 20 3.82 2.68 -6.21
CA GLY A 20 4.90 1.73 -6.53
C GLY A 20 4.72 0.37 -5.86
N LEU A 21 5.75 -0.12 -5.16
CA LEU A 21 5.78 -1.43 -4.48
C LEU A 21 6.50 -1.37 -3.12
N PRO A 22 5.79 -1.01 -2.02
CA PRO A 22 6.38 -1.01 -0.67
C PRO A 22 6.58 -2.42 -0.09
N GLY A 23 5.79 -3.41 -0.54
CA GLY A 23 5.87 -4.82 -0.17
C GLY A 23 4.52 -5.55 -0.22
N THR A 24 4.57 -6.88 -0.18
CA THR A 24 3.41 -7.80 -0.33
C THR A 24 3.26 -8.75 0.85
N LYS A 25 4.34 -9.48 1.20
CA LYS A 25 4.42 -10.44 2.31
C LYS A 25 4.11 -9.87 3.71
N CYS A 26 4.18 -8.55 3.88
CA CYS A 26 3.85 -7.83 5.12
C CYS A 26 2.36 -7.94 5.46
N CYS A 27 1.49 -7.29 4.66
CA CYS A 27 0.01 -7.31 4.76
C CYS A 27 -0.59 -6.97 6.15
N LYS A 28 0.19 -6.32 7.04
CA LYS A 28 -0.15 -6.10 8.46
C LYS A 28 -1.34 -5.12 8.64
N LYS A 29 -1.24 -3.93 8.05
CA LYS A 29 -2.19 -2.82 8.24
C LYS A 29 -2.51 -2.05 6.92
N PRO A 30 -3.14 -2.72 5.92
CA PRO A 30 -3.59 -2.08 4.67
C PRO A 30 -4.86 -1.24 4.85
N GLY A 1 -10.91 6.43 -0.24
CA GLY A 1 -9.54 6.07 -0.70
C GLY A 1 -8.66 5.65 0.48
N ALA A 2 -7.72 4.71 0.24
CA ALA A 2 -6.83 4.16 1.27
C ALA A 2 -5.34 4.15 0.86
N ILE A 3 -5.04 3.65 -0.35
CA ILE A 3 -3.72 3.67 -1.01
C ILE A 3 -3.89 4.22 -2.44
N CYS A 4 -2.84 4.80 -3.03
CA CYS A 4 -2.83 5.37 -4.38
C CYS A 4 -3.32 4.40 -5.48
N HIS A 5 -2.62 3.27 -5.67
CA HIS A 5 -2.94 2.25 -6.67
C HIS A 5 -2.51 0.84 -6.19
N PRO A 6 -3.24 0.24 -5.23
CA PRO A 6 -2.90 -1.06 -4.66
C PRO A 6 -3.22 -2.22 -5.63
N VAL A 7 -2.42 -3.29 -5.57
CA VAL A 7 -2.60 -4.54 -6.35
C VAL A 7 -2.56 -5.82 -5.51
N PHE A 8 -2.34 -5.70 -4.19
CA PHE A 8 -2.38 -6.80 -3.21
C PHE A 8 -3.04 -6.34 -1.90
N CYS A 9 -2.26 -5.92 -0.91
CA CYS A 9 -2.68 -5.32 0.37
C CYS A 9 -1.53 -4.50 1.03
N PRO A 10 -0.98 -3.48 0.33
CA PRO A 10 0.17 -2.70 0.81
C PRO A 10 -0.15 -1.92 2.09
N ARG A 11 0.78 -1.94 3.06
CA ARG A 11 0.67 -1.27 4.37
C ARG A 11 0.81 0.26 4.32
N ARG A 12 1.34 0.82 3.23
CA ARG A 12 1.43 2.28 2.97
C ARG A 12 0.06 2.95 2.87
N TYR A 13 0.06 4.29 2.82
CA TYR A 13 -1.11 5.15 2.98
C TYR A 13 -1.19 6.22 1.88
N LYS A 14 -2.40 6.65 1.50
CA LYS A 14 -2.62 7.72 0.50
C LYS A 14 -2.01 9.08 0.86
N GLN A 15 -1.75 9.35 2.15
CA GLN A 15 -1.12 10.58 2.63
C GLN A 15 0.33 10.81 2.14
N ILE A 16 1.02 9.76 1.64
CA ILE A 16 2.37 9.88 1.03
C ILE A 16 2.45 9.44 -0.45
N GLY A 17 1.38 8.84 -0.99
CA GLY A 17 1.25 8.47 -2.41
C GLY A 17 2.32 7.49 -2.92
N THR A 18 2.33 6.26 -2.40
CA THR A 18 3.32 5.22 -2.76
C THR A 18 3.28 4.82 -4.24
N CYS A 19 2.08 4.77 -4.83
CA CYS A 19 1.75 4.47 -6.23
C CYS A 19 2.62 3.34 -6.85
N GLY A 20 2.73 2.21 -6.15
CA GLY A 20 3.64 1.09 -6.45
C GLY A 20 3.52 -0.06 -5.45
N LEU A 21 4.49 -0.98 -5.46
CA LEU A 21 4.62 -2.09 -4.51
C LEU A 21 5.72 -1.78 -3.47
N PRO A 22 5.37 -1.22 -2.28
CA PRO A 22 6.35 -0.82 -1.26
C PRO A 22 7.01 -1.99 -0.50
N GLY A 23 6.47 -3.21 -0.60
CA GLY A 23 6.97 -4.41 0.09
C GLY A 23 5.90 -5.49 0.22
N THR A 24 5.94 -6.51 -0.65
CA THR A 24 4.94 -7.60 -0.72
C THR A 24 4.70 -8.29 0.63
N LYS A 25 5.77 -8.60 1.38
CA LYS A 25 5.72 -9.21 2.73
C LYS A 25 5.16 -8.31 3.84
N CYS A 26 5.05 -7.00 3.59
CA CYS A 26 4.67 -5.99 4.59
C CYS A 26 3.15 -5.93 4.86
N CYS A 27 2.32 -6.60 4.05
CA CYS A 27 0.86 -6.68 4.19
C CYS A 27 0.44 -7.16 5.61
N LYS A 28 -0.06 -6.21 6.41
CA LYS A 28 -0.61 -6.41 7.77
C LYS A 28 -1.74 -5.40 8.07
N LYS A 29 -1.47 -4.11 7.84
CA LYS A 29 -2.33 -2.97 8.22
C LYS A 29 -2.56 -1.99 7.04
N PRO A 30 -3.21 -2.42 5.94
CA PRO A 30 -3.64 -1.54 4.84
C PRO A 30 -4.75 -0.54 5.28
#